data_1IMV
#
_entry.id   1IMV
#
_cell.length_a   176.174
_cell.length_b   62.514
_cell.length_c   45.406
_cell.angle_alpha   90.00
_cell.angle_beta   90.00
_cell.angle_gamma   90.00
#
_symmetry.space_group_name_H-M   'P 21 21 2'
#
loop_
_entity.id
_entity.type
_entity.pdbx_description
1 polymer 'PIGMENT EPITHELIUM-DERIVED FACTOR'
2 non-polymer 2-acetamido-2-deoxy-beta-D-glucopyranose
3 water water
#
_entity_poly.entity_id   1
_entity_poly.type   'polypeptide(L)'
_entity_poly.pdbx_seq_one_letter_code
;NPASPPEEGSPDPDSTGALVEEEDPFFKVPVNKLAAAVSNFGYDLYRVRSSMSPTTNVLLSPLSVATALSALSLGADERT
ESIIHRALYYDLISSPDIHGTYKELLDTVTAPQKNLKSASRIVFEKKLRIKSSFVAPLEKSYGTRPRVLTGNPRLDLQEI
NNWVQAQMKGKLARSTKEIPDEISILLLGVAHFKGQWVTKFDSRKTSLEDFYLDEERTVRVPMMSDPKAVLRYGLDSDLS
CKIAQLPLTGSMSIIFFLPLKVTQNLTLIEESLTSEFIHDIDRELKTVQAVLTVPKLKLSYEGEVTKSLQEMKLQSLFDS
PDFSKITGKPIKLTQVEHRAGFEWNEDGAGTTPSPGLQPAHLTFPLDYHLNQPFIFVLRDTDTGALLFIGKILDPRGP
;
_entity_poly.pdbx_strand_id   A
#
loop_
_chem_comp.id
_chem_comp.type
_chem_comp.name
_chem_comp.formula
NAG D-saccharide, beta linking 2-acetamido-2-deoxy-beta-D-glucopyranose 'C8 H15 N O6'
#
# COMPACT_ATOMS: atom_id res chain seq x y z
N THR A 16 -9.03 -1.45 23.02
CA THR A 16 -10.36 -1.36 23.71
C THR A 16 -11.50 -1.07 22.73
N GLY A 17 -11.40 0.05 22.00
CA GLY A 17 -12.42 0.40 21.03
C GLY A 17 -13.22 1.66 21.30
N ALA A 18 -13.02 2.27 22.45
CA ALA A 18 -13.74 3.49 22.83
C ALA A 18 -13.04 4.77 22.38
N LEU A 19 -13.79 5.86 22.32
CA LEU A 19 -13.23 7.15 21.92
C LEU A 19 -12.55 7.88 23.08
N VAL A 20 -11.26 8.11 22.93
CA VAL A 20 -10.45 8.78 23.93
C VAL A 20 -9.42 9.71 23.25
N GLU A 21 -8.70 10.48 24.06
CA GLU A 21 -7.70 11.39 23.53
C GLU A 21 -6.38 10.67 23.31
N GLU A 22 -5.70 11.04 22.24
CA GLU A 22 -4.42 10.44 21.88
C GLU A 22 -3.30 10.71 22.88
N GLU A 23 -2.39 9.74 23.02
CA GLU A 23 -1.28 9.86 23.93
C GLU A 23 0.05 9.90 23.21
N ASP A 24 0.38 8.87 22.41
CA ASP A 24 1.64 8.89 21.68
C ASP A 24 1.53 10.19 20.90
N PRO A 25 2.46 11.12 21.14
CA PRO A 25 2.48 12.42 20.47
C PRO A 25 2.46 12.32 18.95
N PHE A 26 2.86 11.18 18.43
CA PHE A 26 2.92 10.95 17.00
C PHE A 26 1.52 10.90 16.37
N PHE A 27 0.60 10.22 17.05
CA PHE A 27 -0.75 10.10 16.55
C PHE A 27 -1.65 11.23 16.99
N LYS A 28 -1.16 12.11 17.86
CA LYS A 28 -1.98 13.22 18.31
C LYS A 28 -2.13 14.24 17.16
N VAL A 29 -1.19 14.20 16.23
CA VAL A 29 -1.22 15.08 15.05
C VAL A 29 -2.33 14.60 14.13
N PRO A 30 -3.27 15.47 13.76
CA PRO A 30 -4.37 15.04 12.88
C PRO A 30 -3.99 14.26 11.60
N VAL A 31 -3.09 14.79 10.78
CA VAL A 31 -2.70 14.08 9.55
C VAL A 31 -2.11 12.69 9.81
N ASN A 32 -1.34 12.54 10.89
CA ASN A 32 -0.74 11.26 11.23
C ASN A 32 -1.82 10.30 11.71
N LYS A 33 -2.78 10.84 12.43
CA LYS A 33 -3.90 10.07 12.98
C LYS A 33 -4.71 9.48 11.83
N LEU A 34 -4.95 10.31 10.81
CA LEU A 34 -5.70 9.87 9.64
C LEU A 34 -4.89 8.83 8.87
N ALA A 35 -3.58 9.02 8.81
CA ALA A 35 -2.73 8.06 8.11
C ALA A 35 -2.73 6.70 8.81
N ALA A 36 -2.84 6.71 10.13
CA ALA A 36 -2.87 5.45 10.88
C ALA A 36 -4.12 4.66 10.57
N ALA A 37 -5.25 5.34 10.40
CA ALA A 37 -6.53 4.71 10.10
C ALA A 37 -6.47 4.07 8.72
N VAL A 38 -6.23 4.92 7.73
CA VAL A 38 -6.13 4.47 6.35
C VAL A 38 -5.10 3.34 6.23
N SER A 39 -3.99 3.47 6.95
CA SER A 39 -2.97 2.45 6.90
C SER A 39 -3.45 1.15 7.51
N ASN A 40 -4.22 1.25 8.61
CA ASN A 40 -4.76 0.06 9.26
C ASN A 40 -5.75 -0.65 8.33
N PHE A 41 -6.34 0.12 7.43
CA PHE A 41 -7.25 -0.44 6.45
C PHE A 41 -6.35 -1.22 5.48
N GLY A 42 -5.20 -0.63 5.16
CA GLY A 42 -4.26 -1.28 4.27
C GLY A 42 -3.85 -2.64 4.80
N TYR A 43 -3.52 -2.70 6.09
CA TYR A 43 -3.09 -3.95 6.71
C TYR A 43 -4.20 -4.99 6.67
N ASP A 44 -5.45 -4.58 6.90
CA ASP A 44 -6.56 -5.52 6.85
C ASP A 44 -6.62 -6.12 5.45
N LEU A 45 -6.53 -5.26 4.44
CA LEU A 45 -6.60 -5.70 3.07
C LEU A 45 -5.47 -6.68 2.79
N TYR A 46 -4.27 -6.34 3.19
CA TYR A 46 -3.13 -7.22 2.98
C TYR A 46 -3.39 -8.60 3.61
N ARG A 47 -3.85 -8.61 4.85
CA ARG A 47 -4.11 -9.87 5.53
C ARG A 47 -5.16 -10.69 4.80
N VAL A 48 -6.19 -10.04 4.28
CA VAL A 48 -7.23 -10.76 3.54
C VAL A 48 -6.66 -11.32 2.23
N ARG A 49 -5.89 -10.49 1.55
CA ARG A 49 -5.30 -10.90 0.28
C ARG A 49 -4.18 -11.93 0.43
N SER A 50 -3.37 -11.82 1.47
CA SER A 50 -2.29 -12.79 1.69
C SER A 50 -2.91 -14.17 1.93
N SER A 51 -4.05 -14.16 2.59
CA SER A 51 -4.77 -15.39 2.89
C SER A 51 -5.31 -16.01 1.61
N MET A 52 -5.56 -15.19 0.60
CA MET A 52 -6.06 -15.70 -0.69
C MET A 52 -4.91 -16.15 -1.59
N SER A 53 -3.74 -15.55 -1.44
CA SER A 53 -2.59 -15.91 -2.25
C SER A 53 -1.52 -16.54 -1.33
N PRO A 54 -1.75 -17.80 -0.92
CA PRO A 54 -0.85 -18.55 -0.03
C PRO A 54 0.49 -18.95 -0.63
N THR A 55 0.57 -18.99 -1.95
CA THR A 55 1.80 -19.40 -2.61
C THR A 55 2.37 -18.42 -3.64
N THR A 56 1.88 -17.19 -3.65
CA THR A 56 2.34 -16.19 -4.60
C THR A 56 2.68 -14.90 -3.89
N ASN A 57 3.56 -14.09 -4.49
CA ASN A 57 3.93 -12.82 -3.88
C ASN A 57 2.71 -11.94 -3.80
N VAL A 58 2.67 -11.04 -2.83
CA VAL A 58 1.54 -10.11 -2.74
C VAL A 58 2.10 -8.71 -2.76
N LEU A 59 1.82 -7.96 -3.81
CA LEU A 59 2.29 -6.58 -3.88
C LEU A 59 1.05 -5.73 -3.72
N LEU A 60 1.09 -4.79 -2.79
CA LEU A 60 -0.08 -3.96 -2.52
C LEU A 60 0.26 -2.54 -2.10
N SER A 61 -0.49 -1.58 -2.61
CA SER A 61 -0.31 -0.18 -2.25
C SER A 61 -1.70 0.35 -1.90
N PRO A 62 -2.24 -0.11 -0.77
CA PRO A 62 -3.55 0.20 -0.18
C PRO A 62 -4.02 1.64 -0.25
N LEU A 63 -3.10 2.59 -0.08
CA LEU A 63 -3.46 4.00 -0.12
C LEU A 63 -4.33 4.41 -1.31
N SER A 64 -3.96 3.99 -2.51
CA SER A 64 -4.73 4.32 -3.71
C SER A 64 -6.16 3.78 -3.64
N VAL A 65 -6.32 2.63 -2.98
CA VAL A 65 -7.63 2.01 -2.84
C VAL A 65 -8.43 2.63 -1.71
N ALA A 66 -7.75 2.96 -0.61
CA ALA A 66 -8.42 3.57 0.52
C ALA A 66 -8.98 4.93 0.11
N THR A 67 -8.19 5.64 -0.71
CA THR A 67 -8.56 6.95 -1.20
C THR A 67 -9.80 6.90 -2.09
N ALA A 68 -9.92 5.87 -2.90
CA ALA A 68 -11.08 5.75 -3.77
C ALA A 68 -12.35 5.53 -2.93
N LEU A 69 -12.23 4.75 -1.86
CA LEU A 69 -13.38 4.49 -1.01
C LEU A 69 -13.81 5.74 -0.26
N SER A 70 -12.83 6.45 0.28
CA SER A 70 -13.12 7.67 1.03
C SER A 70 -13.70 8.76 0.14
N ALA A 71 -13.25 8.82 -1.10
CA ALA A 71 -13.75 9.81 -2.04
C ALA A 71 -15.22 9.50 -2.30
N LEU A 72 -15.50 8.25 -2.65
CA LEU A 72 -16.86 7.80 -2.93
C LEU A 72 -17.81 8.10 -1.76
N SER A 73 -17.33 7.88 -0.54
CA SER A 73 -18.15 8.12 0.64
C SER A 73 -18.70 9.55 0.74
N LEU A 74 -18.30 10.41 -0.18
CA LEU A 74 -18.80 11.78 -0.18
C LEU A 74 -20.23 11.80 -0.70
N GLY A 75 -20.49 11.04 -1.75
CA GLY A 75 -21.82 11.00 -2.32
C GLY A 75 -22.62 9.85 -1.75
N ALA A 76 -22.43 9.57 -0.47
CA ALA A 76 -23.13 8.46 0.18
C ALA A 76 -23.98 8.99 1.33
N ASP A 77 -25.01 8.23 1.70
CA ASP A 77 -25.86 8.65 2.79
C ASP A 77 -25.57 7.91 4.09
N GLU A 78 -25.92 8.54 5.20
CA GLU A 78 -25.73 7.99 6.54
C GLU A 78 -25.32 6.53 6.63
N ARG A 79 -26.31 5.64 6.53
CA ARG A 79 -26.07 4.20 6.63
C ARG A 79 -24.91 3.68 5.78
N THR A 80 -24.86 4.08 4.51
CA THR A 80 -23.80 3.62 3.61
C THR A 80 -22.45 4.26 3.96
N GLU A 81 -22.49 5.56 4.23
CA GLU A 81 -21.29 6.30 4.60
C GLU A 81 -20.59 5.65 5.79
N SER A 82 -21.37 5.33 6.84
CA SER A 82 -20.86 4.69 8.04
C SER A 82 -20.15 3.39 7.71
N ILE A 83 -20.82 2.55 6.93
CA ILE A 83 -20.24 1.27 6.52
C ILE A 83 -18.82 1.54 6.03
N ILE A 84 -18.67 2.54 5.16
CA ILE A 84 -17.36 2.88 4.63
C ILE A 84 -16.45 3.46 5.71
N HIS A 85 -16.91 4.48 6.42
CA HIS A 85 -16.09 5.09 7.46
C HIS A 85 -15.56 4.10 8.49
N ARG A 86 -16.32 3.06 8.77
CA ARG A 86 -15.90 2.09 9.76
C ARG A 86 -14.78 1.18 9.28
N ALA A 87 -14.72 0.94 7.96
CA ALA A 87 -13.69 0.09 7.39
C ALA A 87 -12.39 0.89 7.25
N LEU A 88 -12.51 2.20 7.32
CA LEU A 88 -11.37 3.08 7.20
C LEU A 88 -10.88 3.57 8.55
N TYR A 89 -11.53 3.09 9.61
CA TYR A 89 -11.18 3.46 11.00
C TYR A 89 -11.44 4.92 11.35
N TYR A 90 -12.28 5.55 10.57
CA TYR A 90 -12.61 6.95 10.79
C TYR A 90 -13.46 7.10 12.06
N ASP A 91 -14.24 6.09 12.39
CA ASP A 91 -15.09 6.16 13.58
C ASP A 91 -14.29 6.19 14.88
N LEU A 92 -12.97 6.20 14.77
CA LEU A 92 -12.11 6.24 15.94
C LEU A 92 -11.30 7.52 15.91
N ILE A 93 -11.72 8.46 15.07
CA ILE A 93 -11.06 9.76 14.93
C ILE A 93 -12.07 10.83 15.34
N SER A 94 -11.86 11.44 16.50
CA SER A 94 -12.78 12.48 16.96
C SER A 94 -12.38 13.85 16.41
N SER A 95 -12.41 13.96 15.08
CA SER A 95 -12.04 15.22 14.42
C SER A 95 -12.76 15.40 13.10
N PRO A 96 -13.26 16.62 12.83
CA PRO A 96 -13.99 16.96 11.61
C PRO A 96 -13.06 17.09 10.41
N ASP A 97 -13.56 17.74 9.38
CA ASP A 97 -12.83 17.96 8.13
C ASP A 97 -11.89 16.78 7.90
N ILE A 98 -12.46 15.57 7.90
CA ILE A 98 -11.66 14.36 7.69
C ILE A 98 -11.17 14.37 6.24
N HIS A 99 -11.92 15.03 5.36
CA HIS A 99 -11.58 15.14 3.96
C HIS A 99 -10.59 16.27 3.73
N GLY A 100 -10.62 17.27 4.61
CA GLY A 100 -9.73 18.40 4.49
C GLY A 100 -8.33 17.91 4.81
N THR A 101 -8.26 17.02 5.81
CA THR A 101 -7.02 16.42 6.25
C THR A 101 -6.46 15.50 5.17
N TYR A 102 -7.35 14.71 4.56
CA TYR A 102 -6.96 13.77 3.52
C TYR A 102 -6.24 14.49 2.38
N LYS A 103 -6.70 15.70 2.07
CA LYS A 103 -6.11 16.51 1.02
C LYS A 103 -4.65 16.71 1.39
N GLU A 104 -4.43 17.07 2.64
CA GLU A 104 -3.10 17.30 3.17
C GLU A 104 -2.24 16.04 3.07
N LEU A 105 -2.68 14.96 3.70
CA LEU A 105 -1.97 13.68 3.69
C LEU A 105 -1.46 13.37 2.28
N LEU A 106 -2.35 13.47 1.29
CA LEU A 106 -1.98 13.19 -0.09
C LEU A 106 -0.90 14.14 -0.57
N ASP A 107 -1.07 15.43 -0.30
CA ASP A 107 -0.07 16.42 -0.70
C ASP A 107 1.31 16.04 -0.17
N THR A 108 1.33 15.52 1.06
CA THR A 108 2.57 15.12 1.72
C THR A 108 3.28 13.89 1.14
N VAL A 109 2.56 12.78 1.00
CA VAL A 109 3.20 11.55 0.50
C VAL A 109 3.41 11.46 -1.00
N THR A 110 2.76 12.32 -1.77
CA THR A 110 2.95 12.25 -3.21
C THR A 110 3.96 13.29 -3.70
N ALA A 111 4.46 14.13 -2.79
CA ALA A 111 5.44 15.16 -3.14
C ALA A 111 6.61 14.54 -3.90
N PRO A 112 7.23 15.31 -4.81
CA PRO A 112 8.36 14.86 -5.63
C PRO A 112 9.51 14.21 -4.87
N GLN A 113 9.85 14.76 -3.70
CA GLN A 113 10.95 14.23 -2.89
C GLN A 113 10.75 12.73 -2.59
N LYS A 114 9.49 12.32 -2.42
CA LYS A 114 9.19 10.91 -2.20
C LYS A 114 9.39 10.36 -3.60
N ASN A 115 9.05 9.11 -3.84
CA ASN A 115 9.20 8.62 -5.21
C ASN A 115 7.96 7.83 -5.57
N LEU A 116 6.92 8.08 -4.77
CA LEU A 116 5.64 7.43 -4.88
C LEU A 116 4.64 8.18 -5.76
N LYS A 117 4.00 7.44 -6.65
CA LYS A 117 2.97 8.01 -7.51
C LYS A 117 1.74 7.17 -7.21
N SER A 118 0.71 7.83 -6.69
CA SER A 118 -0.53 7.15 -6.33
C SER A 118 -1.74 7.91 -6.88
N ALA A 119 -2.64 7.21 -7.54
CA ALA A 119 -3.83 7.84 -8.09
C ALA A 119 -5.07 6.97 -7.89
N SER A 120 -6.22 7.62 -7.71
CA SER A 120 -7.49 6.94 -7.52
C SER A 120 -8.52 7.53 -8.47
N ARG A 121 -9.43 6.70 -8.97
CA ARG A 121 -10.45 7.17 -9.90
C ARG A 121 -11.78 6.46 -9.69
N ILE A 122 -12.87 7.23 -9.68
CA ILE A 122 -14.21 6.67 -9.54
C ILE A 122 -14.81 6.64 -10.96
N VAL A 123 -15.22 5.47 -11.43
CA VAL A 123 -15.77 5.35 -12.76
C VAL A 123 -17.22 4.89 -12.74
N PHE A 124 -18.09 5.63 -13.43
CA PHE A 124 -19.52 5.32 -13.48
C PHE A 124 -20.03 4.75 -14.78
N GLU A 125 -21.15 4.05 -14.69
CA GLU A 125 -21.81 3.43 -15.84
C GLU A 125 -22.21 4.46 -16.89
N LYS A 126 -22.42 3.99 -18.13
CA LYS A 126 -22.79 4.84 -19.24
C LYS A 126 -23.98 5.73 -18.94
N LYS A 127 -24.01 6.87 -19.61
CA LYS A 127 -25.08 7.88 -19.53
C LYS A 127 -25.55 8.39 -18.16
N LEU A 128 -24.87 8.01 -17.08
CA LEU A 128 -25.29 8.48 -15.76
C LEU A 128 -25.07 10.00 -15.59
N ARG A 129 -25.97 10.65 -14.86
CA ARG A 129 -25.86 12.10 -14.62
C ARG A 129 -25.53 12.35 -13.14
N ILE A 130 -24.34 12.89 -12.90
CA ILE A 130 -23.86 13.15 -11.54
C ILE A 130 -24.13 14.56 -11.00
N LYS A 131 -24.76 14.62 -9.83
CA LYS A 131 -25.06 15.89 -9.18
C LYS A 131 -23.76 16.63 -8.88
N SER A 132 -23.67 17.87 -9.32
CA SER A 132 -22.46 18.69 -9.12
C SER A 132 -22.13 18.88 -7.64
N SER A 133 -23.14 18.70 -6.79
CA SER A 133 -22.95 18.85 -5.35
C SER A 133 -21.99 17.75 -4.88
N PHE A 134 -21.88 16.70 -5.67
CA PHE A 134 -20.97 15.61 -5.34
C PHE A 134 -19.59 15.89 -5.94
N VAL A 135 -19.56 16.27 -7.22
CA VAL A 135 -18.31 16.56 -7.90
C VAL A 135 -17.53 17.68 -7.22
N ALA A 136 -18.24 18.68 -6.69
CA ALA A 136 -17.61 19.80 -6.02
C ALA A 136 -16.70 19.39 -4.85
N PRO A 137 -17.23 18.62 -3.87
CA PRO A 137 -16.41 18.19 -2.74
C PRO A 137 -15.28 17.26 -3.18
N LEU A 138 -15.61 16.34 -4.08
CA LEU A 138 -14.65 15.36 -4.59
C LEU A 138 -13.41 15.96 -5.24
N GLU A 139 -13.62 16.87 -6.20
CA GLU A 139 -12.54 17.53 -6.92
C GLU A 139 -11.71 18.41 -5.98
N LYS A 140 -12.37 19.00 -4.99
CA LYS A 140 -11.69 19.85 -4.03
C LYS A 140 -10.73 19.05 -3.13
N SER A 141 -11.30 18.20 -2.28
CA SER A 141 -10.52 17.40 -1.36
C SER A 141 -9.64 16.30 -1.97
N TYR A 142 -10.14 15.61 -3.00
CA TYR A 142 -9.34 14.54 -3.58
C TYR A 142 -8.70 14.86 -4.92
N GLY A 143 -8.99 16.05 -5.44
CA GLY A 143 -8.44 16.48 -6.70
C GLY A 143 -8.59 15.48 -7.83
N THR A 144 -9.81 15.02 -8.05
CA THR A 144 -10.09 14.08 -9.12
C THR A 144 -11.55 14.20 -9.53
N ARG A 145 -11.80 14.08 -10.83
CA ARG A 145 -13.15 14.15 -11.38
C ARG A 145 -13.61 12.77 -11.82
N PRO A 146 -14.90 12.47 -11.64
CA PRO A 146 -15.47 11.18 -12.03
C PRO A 146 -15.50 11.04 -13.53
N ARG A 147 -15.31 9.81 -14.00
CA ARG A 147 -15.35 9.55 -15.43
C ARG A 147 -16.65 8.83 -15.70
N VAL A 148 -17.37 9.23 -16.74
CA VAL A 148 -18.62 8.53 -17.06
C VAL A 148 -18.36 7.69 -18.29
N LEU A 149 -18.56 6.39 -18.15
CA LEU A 149 -18.33 5.44 -19.24
C LEU A 149 -19.08 5.77 -20.53
N THR A 150 -18.41 5.52 -21.65
CA THR A 150 -18.94 5.78 -22.98
C THR A 150 -19.84 4.68 -23.50
N GLY A 151 -19.61 3.44 -23.05
CA GLY A 151 -20.42 2.33 -23.51
C GLY A 151 -19.68 1.51 -24.54
N ASN A 152 -18.80 2.17 -25.29
CA ASN A 152 -17.99 1.52 -26.31
C ASN A 152 -16.82 0.85 -25.61
N PRO A 153 -16.82 -0.49 -25.57
CA PRO A 153 -15.73 -1.23 -24.91
C PRO A 153 -14.31 -0.82 -25.30
N ARG A 154 -14.00 -0.78 -26.59
CA ARG A 154 -12.66 -0.41 -27.05
C ARG A 154 -12.27 1.02 -26.73
N LEU A 155 -13.23 1.93 -26.75
CA LEU A 155 -12.99 3.35 -26.48
C LEU A 155 -12.81 3.61 -24.97
N ASP A 156 -13.61 2.91 -24.15
CA ASP A 156 -13.56 3.05 -22.69
C ASP A 156 -12.27 2.51 -22.09
N LEU A 157 -11.75 1.43 -22.67
CA LEU A 157 -10.51 0.84 -22.19
C LEU A 157 -9.33 1.71 -22.59
N GLN A 158 -9.43 2.41 -23.72
CA GLN A 158 -8.35 3.29 -24.18
C GLN A 158 -8.27 4.44 -23.18
N GLU A 159 -9.42 5.04 -22.89
CA GLU A 159 -9.52 6.16 -21.95
C GLU A 159 -8.83 5.83 -20.63
N ILE A 160 -9.24 4.73 -19.99
CA ILE A 160 -8.65 4.35 -18.72
C ILE A 160 -7.12 4.23 -18.81
N ASN A 161 -6.62 3.45 -19.77
CA ASN A 161 -5.19 3.27 -19.96
C ASN A 161 -4.42 4.58 -20.17
N ASN A 162 -5.03 5.52 -20.88
CA ASN A 162 -4.35 6.79 -21.09
C ASN A 162 -4.32 7.56 -19.77
N TRP A 163 -5.36 7.36 -18.96
CA TRP A 163 -5.48 8.00 -17.66
C TRP A 163 -4.41 7.46 -16.67
N VAL A 164 -4.34 6.15 -16.51
CA VAL A 164 -3.35 5.58 -15.60
C VAL A 164 -1.98 5.67 -16.24
N GLN A 165 -1.90 6.34 -17.39
CA GLN A 165 -0.63 6.50 -18.07
C GLN A 165 -0.11 7.89 -17.76
N ALA A 166 -0.94 8.90 -18.01
CA ALA A 166 -0.57 10.28 -17.73
C ALA A 166 -0.25 10.36 -16.23
N GLN A 167 -1.03 9.63 -15.44
CA GLN A 167 -0.89 9.58 -14.00
C GLN A 167 0.42 8.95 -13.55
N MET A 168 0.65 7.72 -13.98
CA MET A 168 1.85 7.00 -13.61
C MET A 168 3.06 7.36 -14.49
N LYS A 169 2.97 8.49 -15.19
CA LYS A 169 4.04 8.93 -16.07
C LYS A 169 4.55 7.77 -16.89
N GLY A 170 3.63 6.89 -17.29
CA GLY A 170 3.97 5.73 -18.09
C GLY A 170 4.93 4.75 -17.46
N LYS A 171 4.70 4.39 -16.18
CA LYS A 171 5.57 3.43 -15.49
C LYS A 171 4.79 2.16 -15.13
N LEU A 172 3.57 2.06 -15.62
CA LEU A 172 2.72 0.90 -15.37
C LEU A 172 2.24 0.33 -16.70
N ALA A 173 2.32 -0.99 -16.83
CA ALA A 173 1.90 -1.67 -18.04
C ALA A 173 0.45 -1.37 -18.43
N ARG A 174 0.25 -0.81 -19.62
CA ARG A 174 -1.09 -0.52 -20.11
C ARG A 174 -1.87 -1.84 -20.09
N SER A 175 -2.94 -1.88 -19.32
CA SER A 175 -3.77 -3.08 -19.18
C SER A 175 -4.53 -3.48 -20.43
N THR A 176 -5.04 -4.70 -20.41
CA THR A 176 -5.80 -5.26 -21.52
C THR A 176 -6.68 -6.40 -21.02
N LYS A 177 -7.51 -6.11 -20.02
CA LYS A 177 -8.39 -7.11 -19.44
C LYS A 177 -9.83 -6.92 -19.93
N GLU A 178 -10.09 -5.79 -20.56
CA GLU A 178 -11.41 -5.47 -21.09
C GLU A 178 -12.40 -5.23 -19.96
N ILE A 179 -12.82 -3.98 -19.81
CA ILE A 179 -13.75 -3.61 -18.77
C ILE A 179 -14.94 -4.57 -18.77
N PRO A 180 -15.47 -4.88 -17.58
CA PRO A 180 -16.60 -5.80 -17.41
C PRO A 180 -17.85 -5.29 -18.15
N ASP A 181 -18.66 -6.23 -18.63
CA ASP A 181 -19.88 -5.85 -19.34
C ASP A 181 -20.79 -5.09 -18.38
N GLU A 182 -20.98 -5.65 -17.18
CA GLU A 182 -21.82 -5.01 -16.18
C GLU A 182 -20.97 -4.16 -15.24
N ILE A 183 -21.20 -2.84 -15.27
CA ILE A 183 -20.47 -1.90 -14.42
C ILE A 183 -21.43 -0.84 -13.89
N SER A 184 -21.44 -0.64 -12.57
CA SER A 184 -22.27 0.39 -11.98
C SER A 184 -21.30 1.47 -11.53
N ILE A 185 -20.52 1.14 -10.51
CA ILE A 185 -19.49 2.04 -9.99
C ILE A 185 -18.16 1.27 -9.96
N LEU A 186 -17.14 1.82 -10.62
CA LEU A 186 -15.83 1.17 -10.65
C LEU A 186 -14.83 2.06 -9.92
N LEU A 187 -14.07 1.47 -9.00
CA LEU A 187 -13.04 2.21 -8.26
C LEU A 187 -11.70 1.71 -8.77
N LEU A 188 -10.80 2.66 -9.01
CA LEU A 188 -9.48 2.33 -9.53
C LEU A 188 -8.37 2.95 -8.66
N GLY A 189 -7.39 2.13 -8.30
CA GLY A 189 -6.29 2.61 -7.49
C GLY A 189 -4.98 2.18 -8.09
N VAL A 190 -4.22 3.12 -8.65
CA VAL A 190 -2.95 2.80 -9.25
C VAL A 190 -1.83 3.53 -8.53
N ALA A 191 -0.71 2.84 -8.39
CA ALA A 191 0.46 3.38 -7.70
C ALA A 191 1.76 2.79 -8.26
N HIS A 192 2.81 3.60 -8.22
CA HIS A 192 4.12 3.16 -8.68
C HIS A 192 5.22 3.66 -7.75
N PHE A 193 6.29 2.87 -7.62
CA PHE A 193 7.40 3.28 -6.76
C PHE A 193 8.78 2.75 -7.15
N LYS A 194 9.72 3.68 -7.29
CA LYS A 194 11.10 3.38 -7.62
C LYS A 194 11.87 4.43 -6.82
N GLY A 195 12.44 4.02 -5.68
CA GLY A 195 13.15 4.98 -4.85
C GLY A 195 14.67 4.89 -4.82
N GLN A 196 15.25 5.47 -3.78
CA GLN A 196 16.70 5.46 -3.59
C GLN A 196 17.05 5.39 -2.12
N TRP A 197 18.03 4.54 -1.80
CA TRP A 197 18.48 4.39 -0.41
C TRP A 197 19.37 5.60 -0.16
N VAL A 198 19.63 5.91 1.11
CA VAL A 198 20.50 7.03 1.41
C VAL A 198 21.91 6.55 1.05
N THR A 199 22.12 5.24 1.15
CA THR A 199 23.41 4.63 0.84
C THR A 199 23.22 3.67 -0.31
N LYS A 200 23.94 3.89 -1.40
CA LYS A 200 23.84 3.01 -2.55
C LYS A 200 24.60 1.72 -2.29
N PHE A 201 24.35 0.73 -3.15
CA PHE A 201 25.02 -0.56 -3.07
C PHE A 201 26.05 -0.59 -4.19
N ASP A 202 27.09 -1.39 -4.01
CA ASP A 202 28.13 -1.51 -5.02
C ASP A 202 27.64 -2.48 -6.10
N SER A 203 27.34 -1.95 -7.28
CA SER A 203 26.85 -2.76 -8.38
C SER A 203 27.83 -3.88 -8.72
N ARG A 204 29.08 -3.70 -8.30
CA ARG A 204 30.12 -4.70 -8.57
C ARG A 204 30.07 -5.80 -7.51
N LYS A 205 29.33 -5.56 -6.44
CA LYS A 205 29.21 -6.50 -5.33
C LYS A 205 27.91 -7.34 -5.41
N THR A 206 27.15 -7.13 -6.48
CA THR A 206 25.90 -7.85 -6.69
C THR A 206 26.18 -9.15 -7.45
N SER A 207 25.85 -10.29 -6.83
CA SER A 207 26.09 -11.57 -7.47
C SER A 207 24.93 -12.53 -7.32
N LEU A 208 24.82 -13.49 -8.23
CA LEU A 208 23.76 -14.49 -8.14
C LEU A 208 24.00 -15.30 -6.87
N GLU A 209 22.97 -15.43 -6.04
CA GLU A 209 23.09 -16.19 -4.81
C GLU A 209 21.91 -17.13 -4.67
N ASP A 210 21.96 -17.97 -3.65
CA ASP A 210 20.88 -18.92 -3.41
C ASP A 210 19.76 -18.30 -2.60
N PHE A 211 18.53 -18.54 -3.03
CA PHE A 211 17.35 -18.02 -2.34
C PHE A 211 16.48 -19.22 -2.02
N TYR A 212 16.29 -19.49 -0.74
CA TYR A 212 15.48 -20.64 -0.34
C TYR A 212 14.01 -20.34 -0.43
N LEU A 213 13.36 -20.85 -1.48
CA LEU A 213 11.92 -20.65 -1.67
C LEU A 213 11.18 -21.40 -0.56
N ASP A 214 11.86 -22.38 0.01
CA ASP A 214 11.32 -23.20 1.09
C ASP A 214 12.30 -24.30 1.45
N GLU A 215 11.94 -25.09 2.44
CA GLU A 215 12.79 -26.17 2.90
C GLU A 215 13.21 -27.23 1.87
N GLU A 216 12.46 -27.37 0.78
CA GLU A 216 12.82 -28.34 -0.26
C GLU A 216 13.33 -27.71 -1.57
N ARG A 217 13.02 -26.45 -1.85
CA ARG A 217 13.46 -25.82 -3.11
C ARG A 217 14.35 -24.59 -3.01
N THR A 218 15.35 -24.52 -3.90
CA THR A 218 16.28 -23.39 -3.91
C THR A 218 16.46 -22.84 -5.32
N VAL A 219 16.74 -21.54 -5.42
CA VAL A 219 16.93 -20.90 -6.72
C VAL A 219 18.04 -19.87 -6.59
N ARG A 220 18.46 -19.31 -7.72
CA ARG A 220 19.50 -18.29 -7.70
C ARG A 220 18.96 -16.97 -8.21
N VAL A 221 19.06 -15.95 -7.37
CA VAL A 221 18.59 -14.63 -7.74
C VAL A 221 19.71 -13.63 -7.44
N PRO A 222 19.82 -12.58 -8.25
CA PRO A 222 20.88 -11.61 -7.97
C PRO A 222 20.63 -10.96 -6.60
N MET A 223 21.66 -10.93 -5.77
CA MET A 223 21.57 -10.35 -4.44
C MET A 223 22.46 -9.15 -4.31
N MET A 224 21.94 -8.08 -3.74
CA MET A 224 22.77 -6.92 -3.56
C MET A 224 23.49 -7.19 -2.26
N SER A 225 24.63 -6.53 -2.06
CA SER A 225 25.42 -6.77 -0.87
C SER A 225 26.06 -5.54 -0.28
N ASP A 226 26.25 -5.59 1.04
CA ASP A 226 26.90 -4.53 1.78
C ASP A 226 27.31 -5.20 3.08
N PRO A 227 28.59 -5.60 3.18
CA PRO A 227 29.13 -6.27 4.36
C PRO A 227 29.27 -5.37 5.59
N LYS A 228 29.19 -4.07 5.38
CA LYS A 228 29.30 -3.13 6.50
C LYS A 228 28.16 -2.11 6.43
N ALA A 229 26.93 -2.63 6.40
CA ALA A 229 25.73 -1.81 6.32
C ALA A 229 25.29 -1.31 7.70
N VAL A 230 24.79 -0.08 7.72
CA VAL A 230 24.33 0.49 8.98
C VAL A 230 22.81 0.66 8.89
N LEU A 231 22.11 -0.18 9.65
CA LEU A 231 20.67 -0.17 9.68
C LEU A 231 20.15 -0.31 11.12
N ARG A 232 18.84 -0.13 11.31
CA ARG A 232 18.26 -0.26 12.63
C ARG A 232 17.68 -1.68 12.76
N TYR A 233 18.15 -2.41 13.75
CA TYR A 233 17.76 -3.81 13.92
C TYR A 233 17.04 -4.15 15.23
N GLY A 234 16.46 -5.34 15.28
CA GLY A 234 15.75 -5.80 16.46
C GLY A 234 15.14 -7.18 16.23
N LEU A 235 15.27 -8.08 17.21
CA LEU A 235 14.72 -9.42 17.11
C LEU A 235 13.47 -9.54 18.01
N ASP A 236 12.35 -9.96 17.43
CA ASP A 236 11.10 -10.13 18.20
C ASP A 236 10.95 -11.61 18.51
N SER A 237 11.25 -11.99 19.74
CA SER A 237 11.19 -13.38 20.16
C SER A 237 9.82 -14.02 19.95
N ASP A 238 8.76 -13.28 20.22
CA ASP A 238 7.40 -13.80 20.07
C ASP A 238 7.06 -14.13 18.61
N LEU A 239 7.19 -13.14 17.73
CA LEU A 239 6.90 -13.34 16.32
C LEU A 239 7.91 -14.30 15.73
N SER A 240 9.05 -14.42 16.40
CA SER A 240 10.11 -15.30 15.95
C SER A 240 10.69 -14.80 14.61
N CYS A 241 11.04 -13.51 14.57
CA CYS A 241 11.60 -12.93 13.36
C CYS A 241 12.55 -11.76 13.61
N LYS A 242 13.38 -11.47 12.60
CA LYS A 242 14.36 -10.38 12.65
C LYS A 242 13.88 -9.17 11.85
N ILE A 243 13.75 -8.03 12.52
CA ILE A 243 13.30 -6.79 11.89
C ILE A 243 14.45 -5.82 11.61
N ALA A 244 14.53 -5.33 10.38
CA ALA A 244 15.57 -4.38 10.01
C ALA A 244 14.94 -3.22 9.23
N GLN A 245 15.51 -2.03 9.41
CA GLN A 245 14.99 -0.85 8.73
C GLN A 245 16.07 -0.09 7.95
N LEU A 246 15.84 0.09 6.66
CA LEU A 246 16.77 0.78 5.79
C LEU A 246 16.11 2.07 5.33
N PRO A 247 16.82 3.19 5.38
CA PRO A 247 16.24 4.46 4.94
C PRO A 247 16.32 4.72 3.44
N LEU A 248 15.33 5.48 2.96
CA LEU A 248 15.26 5.88 1.56
C LEU A 248 15.27 7.39 1.57
N THR A 249 15.68 7.98 0.47
CA THR A 249 15.71 9.42 0.33
C THR A 249 14.27 9.94 0.28
N GLY A 250 14.06 11.15 0.79
CA GLY A 250 12.72 11.71 0.76
C GLY A 250 11.97 11.36 2.02
N SER A 251 12.73 11.11 3.08
CA SER A 251 12.19 10.78 4.38
C SER A 251 11.27 9.55 4.37
N MET A 252 11.80 8.42 3.92
CA MET A 252 11.06 7.16 3.87
C MET A 252 11.93 6.02 4.35
N SER A 253 11.30 4.89 4.68
CA SER A 253 12.02 3.72 5.14
C SER A 253 11.31 2.44 4.74
N ILE A 254 12.06 1.35 4.73
CA ILE A 254 11.53 0.05 4.40
C ILE A 254 11.81 -0.81 5.62
N ILE A 255 10.78 -1.52 6.09
CA ILE A 255 10.95 -2.38 7.24
C ILE A 255 10.83 -3.84 6.78
N PHE A 256 11.88 -4.62 7.01
CA PHE A 256 11.88 -6.02 6.63
C PHE A 256 11.56 -6.86 7.85
N PHE A 257 10.74 -7.89 7.65
CA PHE A 257 10.38 -8.83 8.70
C PHE A 257 10.88 -10.16 8.19
N LEU A 258 11.99 -10.62 8.76
CA LEU A 258 12.62 -11.86 8.34
C LEU A 258 12.44 -13.00 9.37
N PRO A 259 11.62 -14.00 9.05
CA PRO A 259 11.44 -15.09 10.02
C PRO A 259 12.75 -15.86 10.28
N LEU A 260 12.84 -16.52 11.43
CA LEU A 260 14.02 -17.29 11.81
C LEU A 260 14.23 -18.53 10.95
N LYS A 261 13.22 -19.40 10.91
CA LYS A 261 13.30 -20.63 10.13
C LYS A 261 12.71 -20.40 8.74
N VAL A 262 13.21 -21.11 7.72
CA VAL A 262 12.68 -20.94 6.38
C VAL A 262 11.24 -21.46 6.39
N THR A 263 10.33 -20.66 5.84
CA THR A 263 8.92 -21.02 5.81
C THR A 263 8.10 -20.05 4.94
N GLN A 264 6.92 -20.50 4.54
CA GLN A 264 6.00 -19.68 3.75
C GLN A 264 4.88 -19.24 4.68
N ASN A 265 4.95 -19.74 5.91
CA ASN A 265 3.97 -19.43 6.95
C ASN A 265 4.48 -18.24 7.78
N LEU A 266 3.92 -17.07 7.49
CA LEU A 266 4.31 -15.84 8.16
C LEU A 266 3.13 -15.24 8.94
N THR A 267 2.11 -16.07 9.18
CA THR A 267 0.90 -15.67 9.88
C THR A 267 1.03 -14.85 11.17
N LEU A 268 1.69 -15.41 12.18
CA LEU A 268 1.85 -14.68 13.45
C LEU A 268 2.30 -13.26 13.18
N ILE A 269 3.22 -13.11 12.24
CA ILE A 269 3.76 -11.81 11.85
C ILE A 269 2.73 -10.91 11.18
N GLU A 270 2.07 -11.43 10.15
CA GLU A 270 1.05 -10.69 9.44
C GLU A 270 -0.03 -10.19 10.40
N GLU A 271 -0.42 -11.07 11.32
CA GLU A 271 -1.44 -10.76 12.31
C GLU A 271 -1.07 -9.60 13.23
N SER A 272 0.21 -9.24 13.25
CA SER A 272 0.67 -8.16 14.10
C SER A 272 0.68 -6.80 13.41
N LEU A 273 0.85 -6.81 12.10
CA LEU A 273 0.91 -5.57 11.33
C LEU A 273 -0.26 -4.63 11.53
N THR A 274 0.01 -3.53 12.22
CA THR A 274 -0.99 -2.50 12.44
C THR A 274 -0.16 -1.23 12.48
N SER A 275 -0.83 -0.08 12.45
CA SER A 275 -0.13 1.20 12.45
C SER A 275 0.57 1.44 13.76
N GLU A 276 -0.15 1.18 14.85
CA GLU A 276 0.40 1.39 16.18
C GLU A 276 1.54 0.42 16.46
N PHE A 277 1.38 -0.83 16.06
CA PHE A 277 2.44 -1.79 16.28
C PHE A 277 3.70 -1.34 15.57
N ILE A 278 3.56 -0.86 14.33
CA ILE A 278 4.72 -0.41 13.58
C ILE A 278 5.41 0.81 14.21
N HIS A 279 4.66 1.65 14.90
CA HIS A 279 5.24 2.83 15.56
C HIS A 279 6.15 2.43 16.73
N ASP A 280 5.80 1.36 17.44
CA ASP A 280 6.62 0.90 18.55
C ASP A 280 7.88 0.25 18.02
N ILE A 281 7.72 -0.61 17.03
CA ILE A 281 8.86 -1.27 16.43
C ILE A 281 9.82 -0.21 15.89
N ASP A 282 9.27 0.86 15.33
CA ASP A 282 10.11 1.92 14.79
C ASP A 282 11.00 2.52 15.87
N ARG A 283 10.44 2.71 17.06
CA ARG A 283 11.22 3.31 18.14
C ARG A 283 12.06 2.35 18.95
N GLU A 284 11.62 1.10 19.09
CA GLU A 284 12.36 0.10 19.86
C GLU A 284 13.62 -0.39 19.11
N LEU A 285 13.73 -0.09 17.82
CA LEU A 285 14.86 -0.51 17.00
C LEU A 285 16.19 0.17 17.37
N LYS A 286 17.28 -0.58 17.28
CA LYS A 286 18.61 -0.06 17.62
C LYS A 286 19.54 -0.05 16.40
N THR A 287 20.33 1.01 16.23
CA THR A 287 21.25 1.08 15.09
C THR A 287 22.41 0.13 15.33
N VAL A 288 22.68 -0.69 14.33
CA VAL A 288 23.76 -1.65 14.41
C VAL A 288 24.44 -1.68 13.06
N GLN A 289 25.52 -2.45 12.96
CA GLN A 289 26.24 -2.59 11.70
C GLN A 289 25.97 -4.03 11.30
N ALA A 290 25.74 -4.29 10.03
CA ALA A 290 25.45 -5.66 9.64
C ALA A 290 25.89 -6.03 8.25
N VAL A 291 25.91 -7.33 8.01
CA VAL A 291 26.26 -7.87 6.72
C VAL A 291 24.91 -8.07 6.08
N LEU A 292 24.59 -7.20 5.14
CA LEU A 292 23.31 -7.20 4.47
C LEU A 292 23.33 -7.65 3.01
N THR A 293 22.42 -8.56 2.69
CA THR A 293 22.24 -9.04 1.33
C THR A 293 20.75 -9.01 1.08
N VAL A 294 20.34 -8.17 0.14
CA VAL A 294 18.93 -8.03 -0.21
C VAL A 294 18.76 -8.23 -1.71
N PRO A 295 17.81 -9.08 -2.13
CA PRO A 295 17.59 -9.33 -3.55
C PRO A 295 17.14 -8.10 -4.34
N LYS A 296 17.45 -8.08 -5.63
CA LYS A 296 17.05 -7.00 -6.52
C LYS A 296 15.57 -7.27 -6.73
N LEU A 297 14.75 -6.23 -6.70
CA LEU A 297 13.32 -6.43 -6.87
C LEU A 297 12.64 -5.52 -7.89
N LYS A 298 11.85 -6.13 -8.78
CA LYS A 298 11.10 -5.38 -9.79
C LYS A 298 9.81 -6.17 -9.95
N LEU A 299 8.75 -5.66 -9.32
CA LEU A 299 7.46 -6.34 -9.35
C LEU A 299 6.31 -5.47 -9.81
N SER A 300 5.24 -6.14 -10.24
CA SER A 300 4.04 -5.48 -10.70
C SER A 300 2.85 -6.37 -10.32
N TYR A 301 1.67 -5.77 -10.28
CA TYR A 301 0.45 -6.47 -9.94
C TYR A 301 -0.68 -5.71 -10.58
N GLU A 302 -1.62 -6.47 -11.14
CA GLU A 302 -2.78 -5.90 -11.79
C GLU A 302 -3.90 -6.87 -11.52
N GLY A 303 -4.79 -6.52 -10.62
CA GLY A 303 -5.88 -7.41 -10.32
C GLY A 303 -7.10 -6.70 -9.81
N GLU A 304 -8.01 -7.47 -9.24
CA GLU A 304 -9.24 -6.96 -8.68
C GLU A 304 -9.27 -7.34 -7.21
N VAL A 305 -9.57 -6.37 -6.35
CA VAL A 305 -9.61 -6.60 -4.92
C VAL A 305 -11.05 -6.48 -4.42
N THR A 306 -12.00 -6.79 -5.30
CA THR A 306 -13.42 -6.70 -4.95
C THR A 306 -13.83 -7.84 -4.02
N LYS A 307 -13.28 -9.02 -4.24
CA LYS A 307 -13.60 -10.16 -3.40
C LYS A 307 -13.02 -9.99 -2.01
N SER A 308 -11.90 -9.29 -1.92
CA SER A 308 -11.24 -9.03 -0.64
C SER A 308 -12.09 -8.08 0.17
N LEU A 309 -12.48 -6.97 -0.45
CA LEU A 309 -13.29 -5.98 0.22
C LEU A 309 -14.61 -6.58 0.66
N GLN A 310 -15.13 -7.54 -0.09
CA GLN A 310 -16.40 -8.14 0.26
C GLN A 310 -16.38 -8.84 1.61
N GLU A 311 -15.25 -9.47 1.95
CA GLU A 311 -15.18 -10.11 3.25
C GLU A 311 -14.39 -9.25 4.21
N MET A 312 -14.62 -7.94 4.11
CA MET A 312 -13.98 -6.96 4.97
C MET A 312 -15.07 -6.05 5.50
N LYS A 313 -16.22 -6.65 5.78
CA LYS A 313 -17.38 -5.94 6.29
C LYS A 313 -17.73 -4.78 5.36
N LEU A 314 -17.71 -5.07 4.06
CA LEU A 314 -18.02 -4.07 3.07
C LEU A 314 -18.96 -4.60 2.01
N GLN A 315 -19.59 -5.74 2.30
CA GLN A 315 -20.53 -6.37 1.38
C GLN A 315 -21.70 -5.45 0.99
N SER A 316 -22.20 -4.74 1.99
CA SER A 316 -23.32 -3.82 1.82
C SER A 316 -23.23 -2.91 0.58
N LEU A 317 -22.01 -2.56 0.17
CA LEU A 317 -21.81 -1.68 -0.99
C LEU A 317 -22.07 -2.33 -2.35
N PHE A 318 -21.90 -3.66 -2.43
CA PHE A 318 -22.12 -4.40 -3.67
C PHE A 318 -23.55 -4.85 -3.80
N ASP A 319 -24.26 -4.78 -2.69
CA ASP A 319 -25.65 -5.19 -2.63
C ASP A 319 -26.55 -4.02 -3.05
N SER A 320 -27.09 -3.30 -2.07
CA SER A 320 -27.97 -2.17 -2.36
C SER A 320 -27.61 -0.96 -1.49
N PRO A 321 -26.50 -0.29 -1.81
CA PRO A 321 -26.07 0.87 -1.04
C PRO A 321 -26.93 2.08 -1.39
N ASP A 322 -26.71 3.19 -0.69
CA ASP A 322 -27.46 4.39 -0.95
C ASP A 322 -26.49 5.51 -1.32
N PHE A 323 -26.46 5.86 -2.60
CA PHE A 323 -25.57 6.90 -3.08
C PHE A 323 -26.36 8.05 -3.68
N SER A 324 -27.59 8.24 -3.18
CA SER A 324 -28.46 9.28 -3.69
C SER A 324 -27.82 10.67 -3.73
N LYS A 325 -26.66 10.82 -3.09
CA LYS A 325 -25.96 12.10 -3.12
C LYS A 325 -25.12 12.22 -4.39
N ILE A 326 -25.00 11.13 -5.12
CA ILE A 326 -24.24 11.09 -6.36
C ILE A 326 -25.19 11.18 -7.54
N THR A 327 -26.28 10.44 -7.46
CA THR A 327 -27.27 10.38 -8.51
C THR A 327 -28.60 9.84 -7.98
N GLY A 328 -29.69 10.14 -8.69
CA GLY A 328 -30.98 9.66 -8.26
C GLY A 328 -31.14 8.18 -8.57
N LYS A 329 -30.53 7.74 -9.66
CA LYS A 329 -30.61 6.34 -10.05
C LYS A 329 -29.87 5.46 -9.06
N PRO A 330 -30.36 4.22 -8.83
CA PRO A 330 -29.67 3.34 -7.89
C PRO A 330 -28.42 2.76 -8.51
N ILE A 331 -27.27 3.05 -7.90
CA ILE A 331 -26.01 2.54 -8.39
C ILE A 331 -25.37 1.80 -7.23
N LYS A 332 -24.55 0.81 -7.54
CA LYS A 332 -23.91 0.05 -6.49
C LYS A 332 -22.45 -0.21 -6.83
N LEU A 333 -21.65 -0.45 -5.81
CA LEU A 333 -20.24 -0.73 -6.03
C LEU A 333 -20.17 -2.06 -6.77
N THR A 334 -19.64 -2.03 -7.99
CA THR A 334 -19.55 -3.24 -8.78
C THR A 334 -18.17 -3.89 -8.75
N GLN A 335 -17.10 -3.10 -8.90
CA GLN A 335 -15.75 -3.64 -8.86
C GLN A 335 -14.69 -2.62 -8.46
N VAL A 336 -13.59 -3.13 -7.90
CA VAL A 336 -12.47 -2.32 -7.46
C VAL A 336 -11.18 -2.90 -8.02
N GLU A 337 -10.51 -2.17 -8.90
CA GLU A 337 -9.28 -2.67 -9.49
C GLU A 337 -8.02 -1.97 -8.97
N HIS A 338 -6.94 -2.72 -8.85
CA HIS A 338 -5.69 -2.20 -8.33
C HIS A 338 -4.51 -2.50 -9.26
N ARG A 339 -3.73 -1.48 -9.54
CA ARG A 339 -2.55 -1.63 -10.39
C ARG A 339 -1.38 -1.03 -9.62
N ALA A 340 -0.37 -1.84 -9.34
CA ALA A 340 0.78 -1.34 -8.60
C ALA A 340 2.07 -1.79 -9.25
N GLY A 341 3.11 -0.97 -9.08
CA GLY A 341 4.40 -1.30 -9.65
C GLY A 341 5.45 -0.90 -8.65
N PHE A 342 6.23 -1.87 -8.19
CA PHE A 342 7.26 -1.58 -7.19
C PHE A 342 8.63 -2.07 -7.63
N GLU A 343 9.67 -1.26 -7.35
CA GLU A 343 11.03 -1.62 -7.75
C GLU A 343 12.16 -0.95 -6.96
N TRP A 344 13.27 -1.67 -6.83
CA TRP A 344 14.46 -1.15 -6.15
C TRP A 344 15.73 -1.82 -6.61
N ASN A 345 16.84 -1.12 -6.42
CA ASN A 345 18.14 -1.63 -6.82
C ASN A 345 19.27 -0.93 -6.08
N GLU A 346 20.47 -1.03 -6.64
CA GLU A 346 21.67 -0.44 -6.07
C GLU A 346 21.67 1.08 -5.89
N ASP A 347 20.97 1.78 -6.78
CA ASP A 347 20.92 3.24 -6.72
C ASP A 347 20.67 3.83 -5.34
N GLY A 348 21.56 4.73 -4.93
CA GLY A 348 21.45 5.38 -3.65
C GLY A 348 21.89 6.82 -3.77
N ALA A 349 21.91 7.53 -2.64
CA ALA A 349 22.31 8.93 -2.62
C ALA A 349 23.85 9.07 -2.60
N GLY A 350 24.46 8.62 -1.52
CA GLY A 350 25.91 8.70 -1.40
C GLY A 350 26.46 7.42 -0.79
N THR A 351 27.34 7.57 0.20
CA THR A 351 27.93 6.42 0.88
C THR A 351 28.40 6.80 2.28
N THR A 352 28.06 5.95 3.26
CA THR A 352 28.44 6.18 4.66
C THR A 352 28.44 7.66 5.04
N HIS A 361 36.93 0.59 17.60
CA HIS A 361 37.52 -0.65 18.10
C HIS A 361 36.42 -1.43 18.83
N LEU A 362 36.34 -2.74 18.58
CA LEU A 362 35.31 -3.57 19.19
C LEU A 362 33.98 -3.30 18.49
N THR A 363 33.40 -4.34 17.91
CA THR A 363 32.14 -4.19 17.20
C THR A 363 31.17 -5.24 17.68
N PHE A 364 30.07 -5.38 16.93
CA PHE A 364 29.03 -6.33 17.25
C PHE A 364 28.67 -7.12 16.00
N PRO A 365 28.62 -8.46 16.10
CA PRO A 365 28.28 -9.31 14.96
C PRO A 365 26.81 -9.19 14.57
N LEU A 366 26.51 -9.18 13.28
CA LEU A 366 25.12 -9.10 12.86
C LEU A 366 24.89 -9.48 11.41
N ASP A 367 24.15 -10.57 11.22
CA ASP A 367 23.82 -11.07 9.90
C ASP A 367 22.36 -10.79 9.55
N TYR A 368 22.14 -10.21 8.39
CA TYR A 368 20.77 -9.96 7.94
C TYR A 368 20.72 -10.29 6.47
N HIS A 369 20.49 -11.56 6.18
CA HIS A 369 20.40 -12.05 4.82
C HIS A 369 18.96 -12.39 4.44
N LEU A 370 18.43 -11.62 3.50
CA LEU A 370 17.08 -11.81 2.99
C LEU A 370 17.14 -12.80 1.84
N ASN A 371 17.43 -14.05 2.16
CA ASN A 371 17.52 -15.11 1.16
C ASN A 371 16.46 -16.16 1.39
N GLN A 372 15.32 -15.72 1.92
CA GLN A 372 14.20 -16.60 2.18
C GLN A 372 12.96 -15.71 2.25
N PRO A 373 11.76 -16.32 2.11
CA PRO A 373 10.50 -15.57 2.17
C PRO A 373 10.45 -14.52 3.28
N PHE A 374 10.10 -13.29 2.91
CA PHE A 374 10.00 -12.19 3.87
C PHE A 374 8.90 -11.20 3.49
N ILE A 375 8.68 -10.25 4.38
CA ILE A 375 7.66 -9.21 4.20
C ILE A 375 8.35 -7.85 4.38
N PHE A 376 8.07 -6.90 3.50
CA PHE A 376 8.66 -5.58 3.67
C PHE A 376 7.54 -4.56 3.67
N VAL A 377 7.74 -3.47 4.38
CA VAL A 377 6.74 -2.44 4.47
C VAL A 377 7.37 -1.11 4.17
N LEU A 378 6.99 -0.50 3.06
CA LEU A 378 7.49 0.81 2.64
C LEU A 378 6.64 1.82 3.39
N ARG A 379 7.24 2.55 4.32
CA ARG A 379 6.48 3.51 5.12
C ARG A 379 7.00 4.94 4.95
N ASP A 380 6.09 5.91 5.09
CA ASP A 380 6.48 7.32 5.02
C ASP A 380 6.86 7.72 6.44
N THR A 381 8.07 8.24 6.61
CA THR A 381 8.57 8.64 7.92
C THR A 381 7.83 9.79 8.61
N ASP A 382 7.44 10.79 7.84
CA ASP A 382 6.76 11.96 8.39
C ASP A 382 5.38 11.68 8.96
N THR A 383 4.51 11.12 8.12
CA THR A 383 3.15 10.80 8.50
C THR A 383 3.04 9.39 9.07
N GLY A 384 3.94 8.52 8.64
CA GLY A 384 3.92 7.14 9.10
C GLY A 384 2.99 6.30 8.25
N ALA A 385 2.54 6.86 7.15
CA ALA A 385 1.62 6.18 6.24
C ALA A 385 2.22 4.99 5.49
N LEU A 386 1.42 3.94 5.37
CA LEU A 386 1.80 2.71 4.66
C LEU A 386 1.72 3.01 3.18
N LEU A 387 2.85 3.07 2.49
CA LEU A 387 2.84 3.37 1.07
C LEU A 387 2.89 2.13 0.19
N PHE A 388 3.47 1.06 0.71
CA PHE A 388 3.57 -0.17 -0.06
C PHE A 388 3.84 -1.34 0.85
N ILE A 389 3.27 -2.48 0.55
CA ILE A 389 3.53 -3.66 1.34
C ILE A 389 3.66 -4.86 0.44
N GLY A 390 4.52 -5.78 0.82
CA GLY A 390 4.70 -6.96 0.00
C GLY A 390 5.18 -8.21 0.74
N LYS A 391 4.65 -9.36 0.32
CA LYS A 391 5.04 -10.65 0.87
C LYS A 391 5.86 -11.25 -0.27
N ILE A 392 7.16 -11.38 -0.10
CA ILE A 392 8.00 -11.92 -1.17
C ILE A 392 8.34 -13.39 -0.97
N LEU A 393 7.65 -14.26 -1.70
CA LEU A 393 7.88 -15.71 -1.63
C LEU A 393 8.91 -16.12 -2.69
N ASP A 394 9.02 -15.31 -3.74
CA ASP A 394 9.95 -15.55 -4.84
C ASP A 394 10.42 -14.21 -5.45
N PRO A 395 11.70 -13.85 -5.25
CA PRO A 395 12.25 -12.60 -5.76
C PRO A 395 12.07 -12.48 -7.28
N ARG A 396 12.16 -13.61 -7.96
CA ARG A 396 12.04 -13.67 -9.41
C ARG A 396 10.76 -13.04 -9.92
N GLY A 397 9.87 -12.68 -9.01
CA GLY A 397 8.63 -12.06 -9.45
C GLY A 397 7.65 -13.09 -9.97
N PRO A 398 6.40 -12.67 -10.22
CA PRO A 398 5.34 -13.54 -10.72
C PRO A 398 5.76 -14.35 -11.96
C1 NAG B . 2.24 -21.07 11.27
C2 NAG B . 1.15 -22.13 11.40
C3 NAG B . 0.55 -22.11 12.81
C4 NAG B . 1.63 -22.19 13.88
C5 NAG B . 2.74 -21.14 13.62
C6 NAG B . 3.92 -21.28 14.58
C7 NAG B . -0.86 -22.78 10.21
C8 NAG B . -0.76 -24.10 10.97
N2 NAG B . 0.11 -21.89 10.41
O3 NAG B . -0.34 -23.21 12.97
O4 NAG B . 1.05 -21.97 15.16
O5 NAG B . 3.25 -21.28 12.27
O6 NAG B . 4.64 -22.48 14.36
O7 NAG B . -1.80 -22.59 9.45
#